data_4NMX
#
_entry.id   4NMX
#
_cell.length_a   95.102
_cell.length_b   70.765
_cell.length_c   70.413
_cell.angle_alpha   90.00
_cell.angle_beta   96.08
_cell.angle_gamma   90.00
#
_symmetry.space_group_name_H-M   'C 1 2 1'
#
loop_
_entity.id
_entity.type
_entity.pdbx_description
1 polymer 'Proprotein convertase subtilisin/kexin type 9'
2 polymer 'Proprotein convertase subtilisin/kexin type 9'
3 polymer 'peptide 2-8'
4 water water
#
loop_
_entity_poly.entity_id
_entity_poly.type
_entity_poly.pdbx_seq_one_letter_code
_entity_poly.pdbx_strand_id
1 'polypeptide(L)'
;AGSQEDEDGDYEELVLALRSEEDGLAEAPEHGTTATFHRCAKDPWRLPGTYVVVLKEETHLSQSERTARRLQAQAARRGY
LTKILHVFHGLLPGFLVKMSGDLLELALKLPHVDYIEEDSSVFAQ
;
A
2 'polypeptide(L)'
;SIPWNLERITPPRYRADEYQPPDGGSLVEVYLLDTSIQSDHREIEGRVMVTDFENVPEEDGTRFHRQASKCDSHGTHLAG
VVSGRDAGVAKGASMRSLRVLNCQGKGTVSGTLIGLEFIRKSQLVQPVGPLVVLLPLAGGYSRVLNAACQRLARAGVVLV
TAAGNFRDDACLYSPASAPEVITVGATNAQDQPVTLGTLGTNFGRCVDLFAPGEDIIGASSDCSTCFVSQSGTSQAAAHV
AGIAAMMLSAEPELTLAELRQRLIHFSAKDVINEAWFPEDQRVLTPNLVAALPPSTHGAGNSHHHHHH
;
B
3 'polypeptide(L)' (ACE)TVFTSWEEYLDWV(NH2) Z
#
# COMPACT_ATOMS: atom_id res chain seq x y z
N THR A 34 14.27 -22.15 -15.77
CA THR A 34 15.48 -21.61 -15.10
C THR A 34 15.17 -20.28 -14.41
N ALA A 35 15.85 -20.03 -13.30
CA ALA A 35 15.63 -18.86 -12.49
C ALA A 35 16.03 -17.61 -13.26
N THR A 36 15.25 -16.54 -13.12
CA THR A 36 15.49 -15.28 -13.81
C THR A 36 15.77 -14.12 -12.84
N PHE A 37 16.44 -13.10 -13.35
CA PHE A 37 16.83 -11.93 -12.58
C PHE A 37 16.02 -10.73 -13.06
N HIS A 38 15.53 -9.93 -12.13
CA HIS A 38 14.73 -8.74 -12.46
C HIS A 38 15.19 -7.54 -11.65
N ARG A 39 15.20 -6.36 -12.27
CA ARG A 39 15.45 -5.12 -11.53
C ARG A 39 14.50 -4.03 -12.00
N CYS A 40 14.25 -3.05 -11.15
CA CYS A 40 13.31 -1.99 -11.44
C CYS A 40 13.65 -1.26 -12.72
N ALA A 41 12.64 -1.06 -13.56
CA ALA A 41 12.82 -0.36 -14.85
C ALA A 41 13.10 1.15 -14.67
N LYS A 42 12.67 1.71 -13.56
CA LYS A 42 12.95 3.11 -13.27
CA LYS A 42 12.93 3.10 -13.23
C LYS A 42 14.28 3.24 -12.55
N ASP A 43 15.31 3.52 -13.34
CA ASP A 43 16.71 3.58 -12.86
C ASP A 43 16.91 4.28 -11.50
N PRO A 44 16.36 5.50 -11.35
CA PRO A 44 16.59 6.22 -10.07
C PRO A 44 15.98 5.54 -8.84
N TRP A 45 15.05 4.63 -9.07
CA TRP A 45 14.38 3.94 -7.96
C TRP A 45 15.05 2.61 -7.59
N ARG A 46 16.05 2.19 -8.35
CA ARG A 46 16.77 0.95 -8.06
C ARG A 46 17.61 1.07 -6.77
N LEU A 47 17.80 -0.06 -6.10
CA LEU A 47 18.63 -0.13 -4.90
C LEU A 47 19.63 -1.27 -5.08
N PRO A 48 20.62 -1.08 -5.97
CA PRO A 48 21.64 -2.11 -6.23
C PRO A 48 22.34 -2.54 -4.95
N GLY A 49 22.71 -3.82 -4.85
CA GLY A 49 23.43 -4.35 -3.70
C GLY A 49 22.58 -5.13 -2.73
N THR A 50 21.27 -5.04 -2.86
CA THR A 50 20.36 -5.80 -2.02
C THR A 50 19.36 -6.53 -2.89
N TYR A 51 19.17 -7.81 -2.62
CA TYR A 51 18.43 -8.66 -3.51
C TYR A 51 17.42 -9.54 -2.81
N VAL A 52 16.23 -9.64 -3.41
CA VAL A 52 15.20 -10.54 -2.90
C VAL A 52 15.29 -11.84 -3.67
N VAL A 53 15.66 -12.91 -2.97
CA VAL A 53 15.77 -14.22 -3.60
C VAL A 53 14.47 -14.97 -3.35
N VAL A 54 13.73 -15.28 -4.41
CA VAL A 54 12.43 -15.91 -4.26
C VAL A 54 12.52 -17.35 -4.65
N LEU A 55 12.12 -18.23 -3.74
CA LEU A 55 12.20 -19.66 -4.01
C LEU A 55 10.84 -20.19 -4.51
N LYS A 56 10.86 -21.41 -5.01
CA LYS A 56 9.67 -22.06 -5.57
C LYS A 56 8.57 -22.25 -4.52
N GLU A 57 7.32 -22.31 -4.98
CA GLU A 57 6.16 -22.18 -4.08
C GLU A 57 6.15 -23.14 -2.88
N GLU A 58 6.57 -24.37 -3.08
CA GLU A 58 6.46 -25.38 -2.01
C GLU A 58 7.62 -25.32 -1.00
N THR A 59 8.62 -24.51 -1.28
CA THR A 59 9.83 -24.49 -0.45
C THR A 59 9.50 -24.23 1.03
N HIS A 60 10.07 -25.05 1.89
CA HIS A 60 9.86 -24.95 3.33
C HIS A 60 10.89 -24.01 3.98
N LEU A 61 10.53 -23.40 5.10
CA LEU A 61 11.43 -22.48 5.81
C LEU A 61 12.84 -23.06 6.02
N SER A 62 12.93 -24.30 6.49
CA SER A 62 14.23 -24.95 6.68
C SER A 62 15.06 -24.98 5.40
N GLN A 63 14.40 -25.19 4.27
CA GLN A 63 15.10 -25.23 2.98
C GLN A 63 15.57 -23.83 2.60
N SER A 64 14.72 -22.84 2.82
CA SER A 64 15.08 -21.45 2.54
CA SER A 64 15.08 -21.45 2.54
C SER A 64 16.32 -21.05 3.33
N GLU A 65 16.34 -21.42 4.62
CA GLU A 65 17.45 -21.10 5.52
C GLU A 65 18.73 -21.75 5.03
N ARG A 66 18.64 -23.03 4.66
CA ARG A 66 19.79 -23.77 4.14
CA ARG A 66 19.76 -23.80 4.12
CA ARG A 66 19.79 -23.75 4.12
C ARG A 66 20.31 -23.16 2.83
N THR A 67 19.38 -22.75 1.96
CA THR A 67 19.75 -22.14 0.70
C THR A 67 20.49 -20.81 0.95
N ALA A 68 20.02 -20.04 1.92
CA ALA A 68 20.69 -18.79 2.29
C ALA A 68 22.12 -19.04 2.76
N ARG A 69 22.29 -20.03 3.63
CA ARG A 69 23.62 -20.34 4.14
C ARG A 69 24.56 -20.89 3.06
N ARG A 70 24.02 -21.66 2.13
CA ARG A 70 24.79 -22.11 0.98
C ARG A 70 25.29 -20.96 0.12
N LEU A 71 24.42 -20.01 -0.15
CA LEU A 71 24.84 -18.82 -0.89
C LEU A 71 26.00 -18.13 -0.18
N GLN A 72 25.90 -17.98 1.14
CA GLN A 72 26.95 -17.29 1.89
C GLN A 72 28.28 -18.06 1.82
N ALA A 73 28.20 -19.38 1.89
CA ALA A 73 29.36 -20.25 1.78
C ALA A 73 30.03 -20.13 0.41
N GLN A 74 29.23 -20.21 -0.64
CA GLN A 74 29.75 -20.17 -2.00
C GLN A 74 30.33 -18.79 -2.31
N ALA A 75 29.67 -17.75 -1.81
CA ALA A 75 30.13 -16.38 -2.00
C ALA A 75 31.44 -16.19 -1.25
N ALA A 76 31.50 -16.71 -0.03
CA ALA A 76 32.72 -16.59 0.78
C ALA A 76 33.92 -17.28 0.10
N ARG A 77 33.73 -18.43 -0.47
CA ARG A 77 34.83 -19.08 -1.18
C ARG A 77 35.37 -18.25 -2.34
N ARG A 78 34.56 -17.35 -2.88
CA ARG A 78 35.01 -16.49 -3.97
C ARG A 78 35.40 -15.11 -3.50
N GLY A 79 35.50 -14.94 -2.19
CA GLY A 79 36.03 -13.72 -1.59
C GLY A 79 35.03 -12.60 -1.48
N TYR A 80 33.73 -12.96 -1.42
CA TYR A 80 32.64 -11.98 -1.32
C TYR A 80 31.97 -12.07 0.05
N LEU A 81 31.69 -10.90 0.62
CA LEU A 81 30.89 -10.81 1.84
C LEU A 81 29.40 -10.87 1.48
N THR A 82 28.60 -11.46 2.36
CA THR A 82 27.15 -11.43 2.23
C THR A 82 26.50 -11.24 3.59
N LYS A 83 25.29 -10.69 3.57
CA LYS A 83 24.51 -10.53 4.79
CA LYS A 83 24.50 -10.55 4.79
C LYS A 83 23.08 -10.95 4.51
N ILE A 84 22.58 -11.93 5.26
CA ILE A 84 21.17 -12.33 5.14
C ILE A 84 20.34 -11.43 6.04
N LEU A 85 19.59 -10.52 5.44
CA LEU A 85 18.87 -9.52 6.22
C LEU A 85 17.56 -10.06 6.76
N HIS A 86 16.94 -11.00 6.02
CA HIS A 86 15.66 -11.54 6.38
C HIS A 86 15.40 -12.83 5.64
N VAL A 87 14.77 -13.78 6.30
CA VAL A 87 14.27 -15.00 5.65
C VAL A 87 12.74 -14.98 5.61
N PHE A 88 12.18 -15.02 4.40
CA PHE A 88 10.76 -14.92 4.20
C PHE A 88 10.10 -16.28 4.33
N HIS A 89 8.92 -16.28 4.94
CA HIS A 89 8.00 -17.42 4.91
C HIS A 89 6.63 -16.96 5.39
N GLY A 90 5.58 -17.55 4.82
CA GLY A 90 4.21 -17.19 5.20
C GLY A 90 3.45 -16.75 3.97
N LEU A 91 4.10 -15.99 3.11
CA LEU A 91 3.51 -15.61 1.83
C LEU A 91 4.31 -16.24 0.70
N LEU A 92 5.57 -15.82 0.62
CA LEU A 92 6.55 -16.31 -0.31
C LEU A 92 7.74 -16.87 0.46
N PRO A 93 8.33 -17.97 -0.05
CA PRO A 93 9.57 -18.42 0.55
C PRO A 93 10.78 -17.74 -0.12
N GLY A 94 11.82 -17.45 0.65
CA GLY A 94 13.02 -16.85 0.11
C GLY A 94 13.77 -16.09 1.18
N PHE A 95 14.61 -15.17 0.76
CA PHE A 95 15.36 -14.38 1.71
C PHE A 95 15.83 -13.09 1.07
N LEU A 96 16.24 -12.14 1.92
CA LEU A 96 16.75 -10.85 1.53
C LEU A 96 18.24 -10.84 1.82
N VAL A 97 19.05 -10.60 0.80
CA VAL A 97 20.48 -10.66 0.93
C VAL A 97 21.17 -9.38 0.43
N LYS A 98 22.05 -8.86 1.25
CA LYS A 98 22.93 -7.80 0.84
C LYS A 98 24.17 -8.44 0.25
N MET A 99 24.44 -8.18 -1.03
CA MET A 99 25.60 -8.80 -1.69
C MET A 99 25.88 -8.10 -2.99
N SER A 100 27.07 -8.32 -3.53
CA SER A 100 27.44 -7.81 -4.84
C SER A 100 26.59 -8.49 -5.88
N GLY A 101 26.15 -7.70 -6.86
CA GLY A 101 25.47 -8.25 -8.02
C GLY A 101 26.33 -9.23 -8.79
N ASP A 102 27.66 -9.16 -8.60
CA ASP A 102 28.55 -10.15 -9.21
C ASP A 102 28.06 -11.58 -8.99
N LEU A 103 27.41 -11.80 -7.86
CA LEU A 103 27.04 -13.15 -7.40
C LEU A 103 25.74 -13.65 -7.98
N LEU A 104 25.12 -12.85 -8.85
CA LEU A 104 23.80 -13.20 -9.37
C LEU A 104 23.78 -14.51 -10.19
N GLU A 105 24.74 -14.69 -11.10
CA GLU A 105 24.79 -15.90 -11.89
C GLU A 105 24.88 -17.13 -10.98
N LEU A 106 25.73 -17.03 -9.97
CA LEU A 106 25.87 -18.06 -8.95
C LEU A 106 24.59 -18.31 -8.17
N ALA A 107 23.92 -17.23 -7.74
CA ALA A 107 22.72 -17.36 -6.93
C ALA A 107 21.57 -17.98 -7.71
N LEU A 108 21.51 -17.70 -9.00
CA LEU A 108 20.46 -18.23 -9.85
C LEU A 108 20.53 -19.74 -10.08
N LYS A 109 21.70 -20.33 -9.81
CA LYS A 109 21.92 -21.76 -9.91
C LYS A 109 21.57 -22.49 -8.64
N LEU A 110 21.28 -21.76 -7.55
CA LEU A 110 20.97 -22.41 -6.28
C LEU A 110 19.67 -23.22 -6.32
N PRO A 111 19.60 -24.29 -5.52
CA PRO A 111 18.38 -25.07 -5.50
C PRO A 111 17.19 -24.26 -4.99
N HIS A 112 16.02 -24.52 -5.55
CA HIS A 112 14.76 -23.93 -5.08
C HIS A 112 14.51 -22.51 -5.61
N VAL A 113 15.50 -21.89 -6.26
CA VAL A 113 15.33 -20.52 -6.71
C VAL A 113 14.35 -20.42 -7.88
N ASP A 114 13.37 -19.53 -7.74
CA ASP A 114 12.40 -19.22 -8.76
C ASP A 114 12.88 -18.02 -9.56
N TYR A 115 13.16 -16.93 -8.86
CA TYR A 115 13.74 -15.73 -9.44
C TYR A 115 14.36 -14.87 -8.35
N ILE A 116 15.06 -13.84 -8.78
CA ILE A 116 15.74 -12.91 -7.91
C ILE A 116 15.45 -11.51 -8.40
N GLU A 117 15.14 -10.61 -7.48
CA GLU A 117 14.79 -9.25 -7.85
C GLU A 117 15.62 -8.29 -7.03
N GLU A 118 16.22 -7.32 -7.70
CA GLU A 118 16.95 -6.27 -7.04
C GLU A 118 15.96 -5.39 -6.27
N ASP A 119 16.32 -5.01 -5.05
CA ASP A 119 15.43 -4.18 -4.22
C ASP A 119 15.25 -2.84 -4.87
N SER A 120 14.17 -2.18 -4.55
CA SER A 120 13.88 -0.89 -5.17
C SER A 120 12.96 -0.08 -4.28
N SER A 121 12.81 1.20 -4.58
CA SER A 121 12.11 2.13 -3.70
C SER A 121 10.60 2.19 -3.95
N VAL A 122 9.85 2.45 -2.90
CA VAL A 122 8.44 2.78 -3.03
C VAL A 122 8.23 4.14 -2.38
N PHE A 123 7.14 4.80 -2.73
CA PHE A 123 6.91 6.18 -2.31
C PHE A 123 5.47 6.43 -1.88
N ALA A 124 5.33 7.21 -0.82
CA ALA A 124 4.04 7.73 -0.38
C ALA A 124 3.31 8.43 -1.52
N GLN A 125 2.05 8.05 -1.73
CA GLN A 125 1.23 8.62 -2.79
C GLN A 125 0.20 9.60 -2.24
N SER B 1 -21.93 21.73 6.52
CA SER B 1 -22.42 20.33 6.69
C SER B 1 -21.23 19.37 6.87
N ILE B 2 -20.97 18.54 5.87
CA ILE B 2 -19.89 17.57 5.93
C ILE B 2 -18.92 17.83 4.77
N PRO B 3 -17.66 17.36 4.90
CA PRO B 3 -16.69 17.52 3.82
C PRO B 3 -17.23 16.97 2.51
N TRP B 4 -16.87 17.62 1.40
CA TRP B 4 -17.39 17.28 0.07
C TRP B 4 -17.19 15.80 -0.24
N ASN B 5 -16.02 15.29 0.13
CA ASN B 5 -15.63 13.92 -0.14
C ASN B 5 -16.47 12.91 0.60
N LEU B 6 -16.83 13.26 1.83
CA LEU B 6 -17.69 12.41 2.64
C LEU B 6 -19.13 12.45 2.13
N GLU B 7 -19.54 13.58 1.56
CA GLU B 7 -20.85 13.66 0.89
C GLU B 7 -20.87 12.86 -0.42
N ARG B 8 -19.76 12.93 -1.16
CA ARG B 8 -19.67 12.33 -2.49
C ARG B 8 -19.86 10.82 -2.43
N ILE B 9 -19.32 10.21 -1.38
CA ILE B 9 -19.41 8.77 -1.21
C ILE B 9 -20.65 8.33 -0.42
N THR B 10 -21.49 9.27 -0.03
CA THR B 10 -22.70 8.94 0.76
C THR B 10 -23.97 9.32 0.00
N PRO B 11 -24.69 8.32 -0.53
CA PRO B 11 -25.91 8.54 -1.33
C PRO B 11 -27.13 8.90 -0.50
N GLY B 24 -19.74 1.89 12.39
CA GLY B 24 -19.40 1.75 10.96
C GLY B 24 -18.06 1.07 10.74
N GLY B 25 -18.09 -0.20 10.34
CA GLY B 25 -16.87 -0.96 10.05
C GLY B 25 -16.22 -1.68 11.23
N SER B 26 -17.00 -1.90 12.30
CA SER B 26 -16.43 -2.35 13.59
C SER B 26 -15.91 -3.81 13.60
N LEU B 27 -16.38 -4.61 12.66
CA LEU B 27 -15.95 -6.02 12.55
C LEU B 27 -14.59 -6.17 11.89
N VAL B 28 -14.15 -5.10 11.26
CA VAL B 28 -13.00 -5.13 10.36
C VAL B 28 -11.81 -4.40 10.97
N GLU B 29 -10.62 -4.97 10.75
CA GLU B 29 -9.38 -4.34 11.13
C GLU B 29 -8.72 -3.89 9.84
N VAL B 30 -8.26 -2.64 9.82
CA VAL B 30 -7.58 -2.10 8.65
C VAL B 30 -6.11 -1.91 8.97
N TYR B 31 -5.25 -2.62 8.24
CA TYR B 31 -3.81 -2.49 8.40
C TYR B 31 -3.34 -1.36 7.50
N LEU B 32 -2.47 -0.51 8.04
CA LEU B 32 -1.92 0.61 7.29
C LEU B 32 -0.41 0.47 7.18
N LEU B 33 0.08 0.29 5.95
CA LEU B 33 1.53 0.25 5.70
C LEU B 33 1.97 1.62 5.21
N ASP B 34 2.57 2.42 6.08
CA ASP B 34 2.84 3.80 5.72
C ASP B 34 3.93 4.39 6.61
N THR B 35 3.92 5.70 6.74
CA THR B 35 4.82 6.42 7.64
C THR B 35 4.45 6.10 9.06
N SER B 36 5.17 6.71 10.00
CA SER B 36 4.76 6.66 11.40
C SER B 36 3.42 7.41 11.52
N ILE B 37 2.71 7.20 12.61
CA ILE B 37 1.45 7.93 12.85
C ILE B 37 1.43 8.49 14.27
N GLN B 38 0.72 9.59 14.46
CA GLN B 38 0.43 10.11 15.79
C GLN B 38 -0.79 9.41 16.33
N SER B 39 -0.57 8.34 17.05
CA SER B 39 -1.66 7.48 17.49
C SER B 39 -2.55 8.12 18.56
N ASP B 40 -2.12 9.18 19.19
CA ASP B 40 -2.96 9.86 20.19
C ASP B 40 -3.66 11.12 19.66
N HIS B 41 -3.59 11.36 18.35
CA HIS B 41 -4.42 12.39 17.74
C HIS B 41 -5.88 12.09 18.03
N ARG B 42 -6.66 13.12 18.40
CA ARG B 42 -8.03 12.90 18.94
C ARG B 42 -8.94 12.22 17.93
N GLU B 43 -8.63 12.45 16.70
CA GLU B 43 -9.37 11.93 15.57
C GLU B 43 -9.31 10.40 15.49
N ILE B 44 -8.19 9.81 15.94
CA ILE B 44 -7.96 8.36 15.83
C ILE B 44 -7.55 7.68 17.13
N GLU B 45 -7.40 8.45 18.21
CA GLU B 45 -7.01 7.89 19.50
C GLU B 45 -7.91 6.74 19.91
N GLY B 46 -7.28 5.65 20.33
CA GLY B 46 -7.97 4.46 20.75
C GLY B 46 -8.63 3.66 19.65
N ARG B 47 -8.53 4.11 18.41
CA ARG B 47 -9.01 3.34 17.27
C ARG B 47 -7.81 2.74 16.50
N VAL B 48 -6.61 3.23 16.76
CA VAL B 48 -5.41 2.76 16.03
C VAL B 48 -4.39 2.18 16.98
N MET B 49 -3.90 0.99 16.65
CA MET B 49 -2.83 0.35 17.41
C MET B 49 -1.57 0.41 16.58
N VAL B 50 -0.52 1.03 17.11
CA VAL B 50 0.79 1.09 16.43
C VAL B 50 1.53 -0.20 16.75
N THR B 51 1.78 -1.00 15.72
CA THR B 51 2.48 -2.28 15.89
C THR B 51 3.96 -1.98 16.13
N ASP B 52 4.70 -2.94 16.67
CA ASP B 52 6.14 -2.71 16.87
C ASP B 52 6.94 -2.74 15.54
N PHE B 53 6.22 -2.87 14.42
CA PHE B 53 6.88 -3.03 13.15
C PHE B 53 7.49 -1.74 12.57
N GLU B 54 8.76 -1.82 12.21
CA GLU B 54 9.43 -0.76 11.50
C GLU B 54 10.44 -1.34 10.52
N ASN B 55 10.33 -0.96 9.25
CA ASN B 55 11.33 -1.33 8.26
C ASN B 55 11.39 -0.25 7.19
N VAL B 56 12.33 0.68 7.34
CA VAL B 56 12.43 1.82 6.44
C VAL B 56 13.89 2.10 6.04
N PRO B 57 14.10 2.64 4.83
CA PRO B 57 15.41 3.06 4.40
C PRO B 57 15.81 4.38 5.06
N GLU B 58 17.12 4.65 5.11
CA GLU B 58 17.61 5.90 5.68
C GLU B 58 17.18 7.08 4.81
N GLU B 59 16.89 8.19 5.44
CA GLU B 59 16.53 9.40 4.72
C GLU B 59 17.71 9.87 3.87
N ASP B 60 17.41 10.35 2.66
CA ASP B 60 18.45 10.88 1.76
C ASP B 60 18.43 12.38 1.82
N GLY B 61 19.57 12.96 2.22
CA GLY B 61 19.64 14.38 2.48
C GLY B 61 18.97 14.68 3.80
N THR B 62 18.75 15.96 4.02
CA THR B 62 18.25 16.39 5.32
C THR B 62 16.84 17.02 5.39
N ARG B 63 15.98 16.64 4.45
CA ARG B 63 14.62 17.25 4.23
C ARG B 63 13.52 17.39 5.34
N PHE B 64 12.37 16.64 5.23
CA PHE B 64 11.11 16.89 5.99
C PHE B 64 11.35 17.37 7.42
N SER B 69 5.05 17.67 6.42
CA SER B 69 6.35 18.13 6.88
C SER B 69 6.79 17.56 8.24
N LYS B 70 6.00 16.70 8.85
CA LYS B 70 6.50 15.91 9.93
C LYS B 70 6.64 14.48 9.42
N CYS B 71 7.38 13.69 10.19
CA CYS B 71 7.62 12.28 9.89
C CYS B 71 6.32 11.48 9.79
N ASP B 72 5.30 11.89 10.53
CA ASP B 72 4.04 11.15 10.64
C ASP B 72 2.87 11.83 9.94
N SER B 73 3.16 12.84 9.11
CA SER B 73 2.13 13.63 8.49
C SER B 73 1.25 12.77 7.57
N HIS B 74 1.89 11.98 6.73
CA HIS B 74 1.19 11.22 5.69
C HIS B 74 0.28 10.17 6.30
N GLY B 75 0.84 9.32 7.15
CA GLY B 75 0.08 8.20 7.72
C GLY B 75 -1.03 8.64 8.64
N THR B 76 -0.79 9.70 9.41
CA THR B 76 -1.79 10.19 10.34
C THR B 76 -3.03 10.66 9.59
N HIS B 77 -2.81 11.34 8.48
CA HIS B 77 -3.89 11.85 7.66
C HIS B 77 -4.73 10.69 7.12
N LEU B 78 -4.05 9.65 6.64
CA LEU B 78 -4.75 8.52 6.04
C LEU B 78 -5.50 7.67 7.07
N ALA B 79 -4.92 7.48 8.25
CA ALA B 79 -5.62 6.83 9.35
C ALA B 79 -6.91 7.59 9.65
N GLY B 80 -6.84 8.91 9.59
CA GLY B 80 -8.02 9.77 9.85
C GLY B 80 -9.06 9.60 8.77
N VAL B 81 -8.61 9.48 7.52
CA VAL B 81 -9.52 9.35 6.40
C VAL B 81 -10.30 8.05 6.55
N VAL B 82 -9.61 6.98 6.94
CA VAL B 82 -10.23 5.68 7.08
C VAL B 82 -11.22 5.63 8.25
N SER B 83 -10.77 6.10 9.42
CA SER B 83 -11.44 5.82 10.69
C SER B 83 -11.70 7.01 11.62
N GLY B 84 -11.35 8.21 11.17
CA GLY B 84 -11.40 9.39 12.02
C GLY B 84 -12.77 9.78 12.57
N ARG B 85 -12.79 10.23 13.82
CA ARG B 85 -14.03 10.55 14.55
C ARG B 85 -14.92 11.55 13.82
N ASP B 86 -14.30 12.65 13.39
CA ASP B 86 -15.01 13.75 12.74
C ASP B 86 -14.97 13.67 11.23
N ALA B 87 -13.86 13.20 10.66
CA ALA B 87 -13.70 13.27 9.21
C ALA B 87 -13.49 11.92 8.51
N GLY B 88 -13.79 10.83 9.21
CA GLY B 88 -13.51 9.49 8.70
C GLY B 88 -14.66 8.83 7.96
N VAL B 89 -14.33 7.81 7.18
CA VAL B 89 -15.31 7.05 6.43
C VAL B 89 -15.94 5.94 7.28
N ALA B 90 -15.09 5.13 7.90
CA ALA B 90 -15.51 4.00 8.70
C ALA B 90 -15.19 4.26 10.17
N LYS B 91 -16.09 4.98 10.84
CA LYS B 91 -15.78 5.55 12.17
C LYS B 91 -15.70 4.52 13.29
N GLY B 92 -16.23 3.32 13.04
CA GLY B 92 -16.11 2.23 14.01
C GLY B 92 -14.99 1.23 13.73
N ALA B 93 -14.23 1.48 12.66
CA ALA B 93 -13.14 0.58 12.26
C ALA B 93 -11.94 0.75 13.15
N SER B 94 -11.29 -0.36 13.49
CA SER B 94 -10.02 -0.31 14.19
C SER B 94 -8.89 -0.43 13.18
N MET B 95 -7.76 0.15 13.50
CA MET B 95 -6.63 0.11 12.61
C MET B 95 -5.36 -0.37 13.30
N ARG B 96 -4.48 -0.97 12.51
CA ARG B 96 -3.16 -1.33 12.95
C ARG B 96 -2.15 -0.75 11.97
N SER B 97 -1.14 -0.05 12.48
CA SER B 97 -0.16 0.58 11.59
C SER B 97 1.22 -0.08 11.64
N LEU B 98 1.80 -0.23 10.46
CA LEU B 98 3.18 -0.67 10.29
C LEU B 98 3.93 0.46 9.61
N ARG B 99 5.14 0.73 10.07
CA ARG B 99 5.93 1.78 9.45
C ARG B 99 6.84 1.19 8.39
N VAL B 100 6.52 1.47 7.13
CA VAL B 100 7.33 1.05 5.99
C VAL B 100 7.81 2.24 5.15
N LEU B 101 7.39 3.45 5.54
CA LEU B 101 7.85 4.67 4.89
C LEU B 101 8.60 5.56 5.88
N ASN B 102 9.77 6.04 5.49
CA ASN B 102 10.58 6.91 6.34
C ASN B 102 10.00 8.35 6.44
N CYS B 103 10.76 9.28 7.02
CA CYS B 103 10.27 10.65 7.24
C CYS B 103 10.00 11.40 5.96
N GLN B 104 10.65 10.98 4.87
CA GLN B 104 10.47 11.60 3.55
C GLN B 104 9.47 10.84 2.69
N GLY B 105 8.76 9.89 3.29
CA GLY B 105 7.72 9.15 2.57
C GLY B 105 8.26 8.07 1.68
N LYS B 106 9.49 7.60 1.96
CA LYS B 106 10.15 6.65 1.10
C LYS B 106 10.39 5.32 1.84
N GLY B 107 10.12 4.23 1.13
CA GLY B 107 10.28 2.89 1.65
C GLY B 107 11.00 2.04 0.63
N THR B 108 11.02 0.73 0.89
CA THR B 108 11.58 -0.24 -0.05
C THR B 108 10.58 -1.35 -0.35
N VAL B 109 10.74 -1.97 -1.51
CA VAL B 109 9.94 -3.15 -1.83
C VAL B 109 10.18 -4.23 -0.77
N SER B 110 11.42 -4.41 -0.36
CA SER B 110 11.71 -5.49 0.60
C SER B 110 11.07 -5.17 1.96
N GLY B 111 11.11 -3.92 2.37
CA GLY B 111 10.43 -3.49 3.59
C GLY B 111 8.91 -3.72 3.55
N THR B 112 8.30 -3.39 2.42
CA THR B 112 6.87 -3.65 2.19
C THR B 112 6.58 -5.15 2.25
N LEU B 113 7.44 -5.96 1.63
CA LEU B 113 7.25 -7.42 1.66
C LEU B 113 7.28 -7.98 3.07
N ILE B 114 8.22 -7.49 3.87
CA ILE B 114 8.33 -7.92 5.25
C ILE B 114 7.10 -7.51 6.05
N GLY B 115 6.55 -6.34 5.73
CA GLY B 115 5.34 -5.86 6.37
C GLY B 115 4.11 -6.68 6.03
N LEU B 116 3.96 -7.00 4.75
CA LEU B 116 2.87 -7.87 4.32
C LEU B 116 2.96 -9.22 5.01
N GLU B 117 4.18 -9.74 5.14
CA GLU B 117 4.42 -11.00 5.82
C GLU B 117 4.10 -10.89 7.32
N PHE B 118 4.46 -9.77 7.92
CA PHE B 118 4.12 -9.51 9.32
C PHE B 118 2.62 -9.59 9.58
N ILE B 119 1.84 -9.02 8.66
CA ILE B 119 0.39 -9.02 8.74
C ILE B 119 -0.17 -10.44 8.74
N ARG B 120 0.32 -11.25 7.80
CA ARG B 120 -0.12 -12.65 7.70
C ARG B 120 0.28 -13.43 8.97
N LYS B 121 1.50 -13.24 9.43
CA LYS B 121 1.97 -13.89 10.67
C LYS B 121 1.14 -13.47 11.88
N SER B 122 0.75 -12.19 11.93
CA SER B 122 -0.04 -11.65 13.03
C SER B 122 -1.44 -12.29 13.07
N GLN B 123 -2.02 -12.46 11.89
CA GLN B 123 -3.32 -13.09 11.71
C GLN B 123 -3.31 -14.54 12.13
N LEU B 124 -2.25 -15.27 11.78
CA LEU B 124 -2.17 -16.68 12.14
C LEU B 124 -2.05 -16.88 13.65
N VAL B 125 -1.35 -15.97 14.33
CA VAL B 125 -1.11 -16.07 15.77
C VAL B 125 -2.34 -15.69 16.58
N GLN B 126 -3.12 -14.74 16.08
CA GLN B 126 -4.30 -14.22 16.76
C GLN B 126 -5.33 -13.81 15.71
N PRO B 127 -6.09 -14.76 15.19
CA PRO B 127 -7.07 -14.43 14.16
C PRO B 127 -8.20 -13.55 14.68
N VAL B 128 -8.63 -12.59 13.87
CA VAL B 128 -9.82 -11.78 14.16
C VAL B 128 -10.81 -11.93 13.00
N GLY B 129 -11.46 -10.84 12.59
CA GLY B 129 -12.42 -10.88 11.49
C GLY B 129 -11.78 -10.56 10.16
N PRO B 130 -12.58 -10.03 9.21
CA PRO B 130 -12.04 -9.60 7.93
C PRO B 130 -10.93 -8.57 8.11
N LEU B 131 -9.90 -8.67 7.28
CA LEU B 131 -8.78 -7.73 7.26
C LEU B 131 -8.75 -6.98 5.96
N VAL B 132 -8.60 -5.67 6.07
CA VAL B 132 -8.34 -4.84 4.90
C VAL B 132 -6.93 -4.26 5.07
N VAL B 133 -6.13 -4.34 4.02
CA VAL B 133 -4.76 -3.82 4.06
C VAL B 133 -4.65 -2.67 3.09
N LEU B 134 -4.26 -1.51 3.61
CA LEU B 134 -4.18 -0.30 2.80
C LEU B 134 -2.73 0.00 2.47
N LEU B 135 -2.45 0.07 1.18
CA LEU B 135 -1.10 0.27 0.67
C LEU B 135 -1.05 1.56 -0.12
N PRO B 136 -0.88 2.70 0.58
CA PRO B 136 -0.99 4.04 -0.01
C PRO B 136 0.38 4.49 -0.58
N LEU B 137 1.00 3.60 -1.34
CA LEU B 137 2.35 3.79 -1.78
C LEU B 137 2.49 3.14 -3.15
N ALA B 138 3.54 3.51 -3.86
CA ALA B 138 3.81 2.94 -5.19
C ALA B 138 5.30 3.01 -5.51
N GLY B 139 5.77 1.99 -6.21
CA GLY B 139 7.06 2.00 -6.87
C GLY B 139 6.87 1.51 -8.28
N GLY B 140 7.98 1.20 -8.94
CA GLY B 140 7.95 0.63 -10.28
C GLY B 140 7.39 -0.78 -10.25
N TYR B 141 6.98 -1.28 -11.42
CA TYR B 141 6.47 -2.65 -11.52
C TYR B 141 7.43 -3.61 -10.81
N SER B 142 6.87 -4.46 -9.93
CA SER B 142 7.65 -5.38 -9.12
C SER B 142 7.03 -6.78 -9.13
N ARG B 143 7.71 -7.72 -9.78
CA ARG B 143 7.25 -9.10 -9.76
C ARG B 143 7.04 -9.60 -8.34
N VAL B 144 8.02 -9.41 -7.47
CA VAL B 144 7.90 -9.96 -6.13
C VAL B 144 6.80 -9.28 -5.29
N LEU B 145 6.68 -7.96 -5.39
CA LEU B 145 5.64 -7.26 -4.64
C LEU B 145 4.26 -7.68 -5.11
N ASN B 146 4.10 -7.75 -6.43
CA ASN B 146 2.84 -8.24 -7.00
C ASN B 146 2.52 -9.67 -6.56
N ALA B 147 3.52 -10.56 -6.56
CA ALA B 147 3.35 -11.94 -6.09
C ALA B 147 2.93 -12.01 -4.61
N ALA B 148 3.58 -11.22 -3.76
CA ALA B 148 3.27 -11.21 -2.34
C ALA B 148 1.85 -10.72 -2.05
N CYS B 149 1.42 -9.71 -2.82
CA CYS B 149 0.07 -9.18 -2.70
C CYS B 149 -0.95 -10.23 -3.11
N GLN B 150 -0.65 -10.90 -4.22
CA GLN B 150 -1.51 -11.94 -4.75
CA GLN B 150 -1.53 -11.94 -4.76
C GLN B 150 -1.68 -13.05 -3.73
N ARG B 151 -0.58 -13.40 -3.12
CA ARG B 151 -0.56 -14.43 -2.14
CA ARG B 151 -0.58 -14.45 -2.15
C ARG B 151 -1.40 -14.10 -0.87
N LEU B 152 -1.18 -12.87 -0.41
CA LEU B 152 -1.92 -12.35 0.74
C LEU B 152 -3.41 -12.30 0.44
N ALA B 153 -3.77 -11.85 -0.76
CA ALA B 153 -5.15 -11.88 -1.24
C ALA B 153 -5.76 -13.28 -1.25
N ARG B 154 -5.01 -14.25 -1.75
CA ARG B 154 -5.55 -15.60 -1.82
C ARG B 154 -5.71 -16.23 -0.47
N ALA B 155 -4.90 -15.78 0.47
CA ALA B 155 -5.02 -16.17 1.84
C ALA B 155 -6.30 -15.67 2.51
N GLY B 156 -7.01 -14.74 1.87
CA GLY B 156 -8.28 -14.24 2.36
C GLY B 156 -8.29 -12.78 2.83
N VAL B 157 -7.25 -12.03 2.48
CA VAL B 157 -7.13 -10.63 2.92
C VAL B 157 -7.44 -9.69 1.74
N VAL B 158 -8.11 -8.59 2.04
CA VAL B 158 -8.50 -7.62 1.00
C VAL B 158 -7.44 -6.52 0.97
N LEU B 159 -6.82 -6.32 -0.19
CA LEU B 159 -5.77 -5.29 -0.34
C LEU B 159 -6.28 -4.11 -1.19
N VAL B 160 -6.06 -2.91 -0.69
CA VAL B 160 -6.45 -1.68 -1.39
C VAL B 160 -5.18 -0.84 -1.58
N THR B 161 -4.95 -0.42 -2.82
CA THR B 161 -3.77 0.36 -3.11
C THR B 161 -4.01 1.62 -3.91
N ALA B 162 -3.07 2.55 -3.77
CA ALA B 162 -3.09 3.78 -4.52
C ALA B 162 -2.68 3.49 -5.97
N ALA B 163 -3.41 4.10 -6.90
CA ALA B 163 -3.07 3.91 -8.34
C ALA B 163 -1.70 4.50 -8.69
N GLY B 164 -1.28 5.51 -7.93
CA GLY B 164 -0.05 6.23 -8.22
C GLY B 164 -0.37 7.61 -8.75
N ASN B 165 0.53 8.55 -8.50
CA ASN B 165 0.30 9.98 -8.82
C ASN B 165 1.14 10.46 -10.03
N PHE B 166 1.39 9.58 -11.00
CA PHE B 166 2.34 9.89 -12.06
C PHE B 166 1.69 10.19 -13.40
N ARG B 167 0.37 10.41 -13.39
CA ARG B 167 -0.42 10.60 -14.62
C ARG B 167 0.03 9.63 -15.70
N ASP B 168 0.01 8.35 -15.35
CA ASP B 168 0.58 7.30 -16.19
C ASP B 168 -0.29 6.06 -16.07
N ASP B 169 0.04 5.04 -16.87
CA ASP B 169 -0.66 3.78 -16.82
C ASP B 169 -0.29 3.07 -15.53
N ALA B 170 -1.27 2.84 -14.67
CA ALA B 170 -1.03 2.19 -13.37
C ALA B 170 -0.38 0.80 -13.52
N CYS B 171 -0.50 0.18 -14.68
CA CYS B 171 0.08 -1.15 -14.87
C CYS B 171 1.60 -1.16 -14.79
N LEU B 172 2.23 0.03 -14.85
CA LEU B 172 3.68 0.12 -14.80
C LEU B 172 4.22 0.33 -13.38
N TYR B 173 3.35 0.23 -12.39
CA TYR B 173 3.69 0.49 -10.99
C TYR B 173 3.18 -0.61 -10.09
N SER B 174 3.83 -0.80 -8.93
CA SER B 174 3.38 -1.79 -7.96
C SER B 174 3.24 -1.13 -6.59
N PRO B 175 2.28 -1.58 -5.77
CA PRO B 175 1.38 -2.71 -6.03
C PRO B 175 0.17 -2.44 -6.94
N ALA B 176 0.05 -1.24 -7.48
CA ALA B 176 -1.06 -0.87 -8.34
C ALA B 176 -1.37 -1.93 -9.40
N SER B 177 -0.34 -2.49 -10.00
CA SER B 177 -0.52 -3.45 -11.12
C SER B 177 -0.87 -4.88 -10.68
N ALA B 178 -0.83 -5.14 -9.38
CA ALA B 178 -1.03 -6.51 -8.89
C ALA B 178 -2.43 -7.03 -9.09
N PRO B 179 -2.52 -8.35 -9.40
CA PRO B 179 -3.80 -8.98 -9.51
C PRO B 179 -4.35 -9.15 -8.12
N GLU B 180 -5.64 -9.14 -7.99
CA GLU B 180 -6.23 -9.51 -6.72
C GLU B 180 -6.15 -8.39 -5.71
N VAL B 181 -5.76 -7.21 -6.16
CA VAL B 181 -5.74 -6.03 -5.29
C VAL B 181 -6.75 -5.04 -5.86
N ILE B 182 -7.28 -4.18 -5.00
CA ILE B 182 -8.18 -3.11 -5.44
C ILE B 182 -7.40 -1.81 -5.62
N THR B 183 -7.31 -1.34 -6.86
CA THR B 183 -6.46 -0.19 -7.18
C THR B 183 -7.31 1.04 -7.46
N VAL B 184 -6.97 2.12 -6.81
CA VAL B 184 -7.84 3.30 -6.71
C VAL B 184 -7.17 4.57 -7.21
N GLY B 185 -7.79 5.19 -8.21
CA GLY B 185 -7.35 6.49 -8.71
C GLY B 185 -8.09 7.60 -8.01
N ALA B 186 -7.67 8.84 -8.26
CA ALA B 186 -8.23 9.98 -7.55
C ALA B 186 -9.06 10.88 -8.45
N THR B 187 -10.21 11.30 -7.92
CA THR B 187 -11.02 12.32 -8.55
C THR B 187 -11.28 13.45 -7.58
N ASN B 188 -11.65 14.60 -8.13
CA ASN B 188 -11.86 15.81 -7.32
C ASN B 188 -13.34 16.13 -7.09
N ALA B 189 -13.63 17.29 -6.50
CA ALA B 189 -14.99 17.69 -6.15
C ALA B 189 -15.93 17.76 -7.34
N GLN B 190 -15.38 17.87 -8.55
CA GLN B 190 -16.20 17.85 -9.77
C GLN B 190 -16.14 16.49 -10.49
N ASP B 191 -15.78 15.44 -9.75
CA ASP B 191 -15.68 14.08 -10.30
C ASP B 191 -14.70 13.99 -11.48
N GLN B 192 -13.72 14.89 -11.53
CA GLN B 192 -12.72 14.86 -12.58
C GLN B 192 -11.39 14.35 -12.05
N PRO B 193 -10.57 13.75 -12.93
CA PRO B 193 -9.32 13.16 -12.45
C PRO B 193 -8.43 14.24 -11.85
N VAL B 194 -7.78 13.91 -10.74
CA VAL B 194 -6.99 14.88 -9.98
C VAL B 194 -5.65 15.16 -10.65
N THR B 195 -5.35 16.46 -10.80
CA THR B 195 -4.06 16.97 -11.19
C THR B 195 -3.22 17.19 -9.93
N LEU B 196 -1.96 16.77 -9.97
CA LEU B 196 -1.05 16.92 -8.83
C LEU B 196 0.27 17.45 -9.34
N GLY B 197 0.45 18.78 -9.26
CA GLY B 197 1.62 19.42 -9.84
C GLY B 197 1.52 19.34 -11.34
N THR B 198 2.57 18.83 -11.98
CA THR B 198 2.59 18.62 -13.41
C THR B 198 2.05 17.23 -13.79
N LEU B 199 1.77 16.41 -12.77
CA LEU B 199 1.25 15.07 -12.96
C LEU B 199 -0.15 14.95 -12.38
N GLY B 200 -0.48 13.76 -11.84
CA GLY B 200 -1.84 13.53 -11.35
C GLY B 200 -2.14 12.05 -11.21
N THR B 201 -3.41 11.73 -11.04
CA THR B 201 -3.79 10.33 -10.87
C THR B 201 -3.37 9.50 -12.07
N ASN B 202 -2.95 8.28 -11.79
CA ASN B 202 -2.75 7.27 -12.81
C ASN B 202 -4.09 6.78 -13.33
N PHE B 203 -4.04 6.00 -14.39
CA PHE B 203 -5.26 5.54 -15.09
C PHE B 203 -4.96 4.19 -15.73
N GLY B 204 -5.88 3.70 -16.56
CA GLY B 204 -5.62 2.49 -17.30
C GLY B 204 -6.35 1.28 -16.75
N ARG B 205 -6.06 0.12 -17.35
CA ARG B 205 -6.83 -1.10 -17.08
C ARG B 205 -6.58 -1.72 -15.71
N CYS B 206 -5.46 -1.35 -15.09
CA CYS B 206 -5.09 -1.86 -13.78
C CYS B 206 -5.75 -1.08 -12.65
N VAL B 207 -6.39 0.05 -12.96
CA VAL B 207 -7.21 0.80 -12.00
C VAL B 207 -8.62 0.21 -11.96
N ASP B 208 -9.14 -0.06 -10.76
CA ASP B 208 -10.46 -0.63 -10.58
C ASP B 208 -11.57 0.42 -10.53
N LEU B 209 -11.31 1.52 -9.85
CA LEU B 209 -12.25 2.60 -9.71
C LEU B 209 -11.56 3.81 -9.16
N PHE B 210 -12.32 4.91 -9.08
CA PHE B 210 -11.81 6.14 -8.55
C PHE B 210 -12.51 6.50 -7.25
N ALA B 211 -11.92 7.42 -6.50
CA ALA B 211 -12.48 7.91 -5.25
C ALA B 211 -11.95 9.33 -4.97
N PRO B 212 -12.67 10.09 -4.13
CA PRO B 212 -12.24 11.44 -3.76
C PRO B 212 -10.78 11.49 -3.32
N GLY B 213 -9.98 12.28 -4.03
CA GLY B 213 -8.56 12.36 -3.74
C GLY B 213 -7.95 13.74 -3.88
N GLU B 214 -8.80 14.77 -3.88
CA GLU B 214 -8.32 16.14 -3.91
C GLU B 214 -8.97 16.92 -2.79
N ASP B 215 -8.17 17.69 -2.14
CA ASP B 215 -8.63 18.59 -1.10
C ASP B 215 -9.38 17.82 -0.01
N ILE B 216 -8.73 16.80 0.56
CA ILE B 216 -9.36 15.92 1.52
C ILE B 216 -8.91 16.30 2.91
N ILE B 217 -9.79 16.78 3.72
CA ILE B 217 -9.52 17.14 5.09
C ILE B 217 -9.36 15.89 5.96
N GLY B 218 -8.42 15.98 6.89
CA GLY B 218 -8.12 14.86 7.76
C GLY B 218 -7.12 15.24 8.84
N ALA B 219 -6.91 14.32 9.77
CA ALA B 219 -6.02 14.55 10.93
C ALA B 219 -4.68 15.09 10.49
N SER B 220 -4.24 16.17 11.15
CA SER B 220 -2.91 16.73 10.98
C SER B 220 -2.10 16.41 12.22
N SER B 221 -0.94 15.81 12.03
CA SER B 221 -0.07 15.45 13.15
C SER B 221 0.61 16.67 13.79
N ASP B 222 0.32 17.87 13.27
CA ASP B 222 0.88 19.09 13.87
C ASP B 222 0.41 19.32 15.31
N CYS B 223 -0.81 18.87 15.63
CA CYS B 223 -1.32 18.91 16.99
C CYS B 223 -2.45 17.89 17.16
N SER B 224 -2.75 17.56 18.42
CA SER B 224 -3.72 16.52 18.75
C SER B 224 -5.13 16.74 18.23
N THR B 225 -5.48 17.99 17.89
CA THR B 225 -6.80 18.30 17.36
C THR B 225 -6.74 18.99 16.00
N CYS B 226 -5.60 18.94 15.33
CA CYS B 226 -5.37 19.70 14.10
C CYS B 226 -5.90 18.95 12.88
N PHE B 227 -6.31 19.70 11.85
CA PHE B 227 -6.73 19.11 10.59
C PHE B 227 -6.07 19.81 9.42
N VAL B 228 -5.84 19.06 8.35
CA VAL B 228 -5.23 19.62 7.14
C VAL B 228 -5.78 18.93 5.90
N SER B 229 -5.85 19.65 4.79
CA SER B 229 -6.29 19.05 3.53
C SER B 229 -5.10 18.53 2.74
N GLN B 230 -5.23 17.31 2.24
CA GLN B 230 -4.20 16.67 1.43
C GLN B 230 -4.85 16.08 0.17
N SER B 231 -4.04 15.86 -0.85
CA SER B 231 -4.47 15.28 -2.14
C SER B 231 -3.54 14.15 -2.55
N GLY B 232 -4.09 13.17 -3.27
CA GLY B 232 -3.31 12.06 -3.79
C GLY B 232 -4.15 10.81 -3.93
N THR B 233 -3.62 9.83 -4.66
CA THR B 233 -4.26 8.52 -4.78
C THR B 233 -4.20 7.73 -3.46
N SER B 234 -3.30 8.14 -2.56
CA SER B 234 -3.26 7.60 -1.20
C SER B 234 -4.61 7.91 -0.52
N GLN B 235 -5.04 9.16 -0.62
CA GLN B 235 -6.28 9.59 0.03
C GLN B 235 -7.47 8.91 -0.62
N ALA B 236 -7.42 8.79 -1.93
CA ALA B 236 -8.47 8.06 -2.66
C ALA B 236 -8.56 6.61 -2.21
N ALA B 237 -7.41 5.95 -2.11
CA ALA B 237 -7.35 4.58 -1.67
C ALA B 237 -7.86 4.43 -0.22
N ALA B 238 -7.55 5.41 0.62
CA ALA B 238 -8.01 5.44 2.01
C ALA B 238 -9.55 5.46 2.08
N HIS B 239 -10.20 6.17 1.15
CA HIS B 239 -11.66 6.17 1.04
C HIS B 239 -12.23 4.78 0.75
N VAL B 240 -11.65 4.12 -0.22
CA VAL B 240 -12.09 2.79 -0.58
C VAL B 240 -11.82 1.77 0.54
N ALA B 241 -10.72 1.93 1.25
CA ALA B 241 -10.43 1.08 2.40
C ALA B 241 -11.54 1.23 3.44
N GLY B 242 -11.96 2.48 3.68
CA GLY B 242 -13.10 2.78 4.56
C GLY B 242 -14.41 2.20 4.07
N ILE B 243 -14.68 2.35 2.78
CA ILE B 243 -15.89 1.80 2.18
C ILE B 243 -15.89 0.28 2.26
N ALA B 244 -14.76 -0.33 1.91
CA ALA B 244 -14.61 -1.78 2.05
C ALA B 244 -14.86 -2.25 3.48
N ALA B 245 -14.29 -1.54 4.45
CA ALA B 245 -14.48 -1.86 5.86
C ALA B 245 -15.96 -1.81 6.26
N MET B 246 -16.68 -0.83 5.72
CA MET B 246 -18.11 -0.71 6.01
C MET B 246 -18.89 -1.86 5.36
N MET B 247 -18.56 -2.19 4.10
CA MET B 247 -19.27 -3.26 3.39
C MET B 247 -18.98 -4.64 3.99
N LEU B 248 -17.73 -4.87 4.39
CA LEU B 248 -17.37 -6.13 5.03
C LEU B 248 -17.95 -6.29 6.43
N SER B 249 -18.11 -5.19 7.16
CA SER B 249 -18.73 -5.27 8.47
CA SER B 249 -18.73 -5.27 8.47
C SER B 249 -20.21 -5.63 8.38
N ALA B 250 -20.88 -5.12 7.35
CA ALA B 250 -22.29 -5.43 7.10
C ALA B 250 -22.50 -6.83 6.54
N GLU B 251 -21.56 -7.27 5.70
CA GLU B 251 -21.60 -8.59 5.06
C GLU B 251 -20.23 -9.25 5.19
N PRO B 252 -19.94 -9.80 6.39
CA PRO B 252 -18.59 -10.33 6.66
C PRO B 252 -18.19 -11.53 5.82
N GLU B 253 -19.15 -12.20 5.17
CA GLU B 253 -18.83 -13.41 4.43
C GLU B 253 -18.51 -13.16 2.96
N LEU B 254 -18.54 -11.90 2.52
CA LEU B 254 -18.22 -11.57 1.14
C LEU B 254 -16.82 -12.09 0.72
N THR B 255 -16.77 -12.73 -0.44
CA THR B 255 -15.51 -13.07 -1.07
C THR B 255 -14.99 -11.82 -1.77
N LEU B 256 -13.71 -11.83 -2.14
CA LEU B 256 -13.10 -10.66 -2.79
C LEU B 256 -13.86 -10.28 -4.06
N ALA B 257 -14.28 -11.28 -4.83
CA ALA B 257 -15.00 -11.02 -6.07
C ALA B 257 -16.32 -10.32 -5.81
N GLU B 258 -17.04 -10.79 -4.79
CA GLU B 258 -18.34 -10.21 -4.41
C GLU B 258 -18.14 -8.78 -3.91
N LEU B 259 -17.09 -8.57 -3.11
CA LEU B 259 -16.78 -7.23 -2.63
C LEU B 259 -16.50 -6.29 -3.81
N ARG B 260 -15.68 -6.76 -4.75
CA ARG B 260 -15.39 -5.97 -5.94
C ARG B 260 -16.67 -5.62 -6.69
N GLN B 261 -17.56 -6.60 -6.83
CA GLN B 261 -18.84 -6.41 -7.50
C GLN B 261 -19.70 -5.40 -6.77
N ARG B 262 -19.67 -5.44 -5.44
CA ARG B 262 -20.44 -4.49 -4.66
C ARG B 262 -19.89 -3.07 -4.82
N LEU B 263 -18.57 -2.94 -4.79
CA LEU B 263 -17.93 -1.64 -4.99
C LEU B 263 -18.31 -1.04 -6.35
N ILE B 264 -18.36 -1.88 -7.38
CA ILE B 264 -18.73 -1.42 -8.73
C ILE B 264 -20.21 -1.07 -8.78
N HIS B 265 -21.03 -1.94 -8.20
CA HIS B 265 -22.48 -1.76 -8.19
C HIS B 265 -22.88 -0.44 -7.55
N PHE B 266 -22.27 -0.10 -6.41
CA PHE B 266 -22.60 1.13 -5.69
C PHE B 266 -21.82 2.38 -6.12
N SER B 267 -20.91 2.24 -7.08
CA SER B 267 -20.18 3.39 -7.63
C SER B 267 -21.08 4.26 -8.48
N ALA B 268 -20.72 5.54 -8.56
CA ALA B 268 -21.28 6.46 -9.53
C ALA B 268 -20.70 6.11 -10.90
N LYS B 269 -21.57 5.98 -11.89
CA LYS B 269 -21.18 5.53 -13.24
C LYS B 269 -21.08 6.71 -14.21
N ASP B 270 -20.00 6.76 -14.97
CA ASP B 270 -19.85 7.65 -16.12
C ASP B 270 -19.91 9.15 -15.76
N VAL B 271 -19.43 9.50 -14.57
CA VAL B 271 -19.39 10.91 -14.14
C VAL B 271 -18.07 11.59 -14.48
N ILE B 272 -17.06 10.79 -14.81
CA ILE B 272 -15.72 11.31 -15.13
C ILE B 272 -15.66 11.68 -16.59
N ASN B 273 -15.13 12.85 -16.90
CA ASN B 273 -14.91 13.25 -18.29
C ASN B 273 -13.63 12.57 -18.77
N GLU B 274 -13.75 11.61 -19.66
CA GLU B 274 -12.56 10.84 -20.00
C GLU B 274 -11.56 11.51 -20.93
N ALA B 275 -11.90 12.71 -21.42
CA ALA B 275 -10.99 13.51 -22.26
C ALA B 275 -9.69 13.83 -21.53
N TRP B 276 -9.73 13.84 -20.20
CA TRP B 276 -8.54 14.05 -19.37
C TRP B 276 -7.47 12.96 -19.57
N PHE B 277 -7.90 11.74 -19.90
CA PHE B 277 -6.97 10.63 -20.09
C PHE B 277 -6.46 10.62 -21.53
N PRO B 278 -5.26 10.08 -21.76
CA PRO B 278 -4.80 9.86 -23.14
C PRO B 278 -5.83 9.09 -23.96
N GLU B 279 -5.89 9.35 -25.25
CA GLU B 279 -6.94 8.77 -26.13
C GLU B 279 -7.16 7.27 -25.98
N ASP B 280 -6.08 6.50 -25.97
CA ASP B 280 -6.16 5.05 -25.94
C ASP B 280 -6.54 4.51 -24.55
N GLN B 281 -6.38 5.31 -23.50
CA GLN B 281 -6.63 4.86 -22.14
C GLN B 281 -8.10 5.02 -21.72
N ARG B 282 -8.86 5.72 -22.52
CA ARG B 282 -10.22 6.07 -22.15
C ARG B 282 -11.13 4.87 -22.02
N VAL B 283 -11.11 4.01 -23.04
CA VAL B 283 -11.86 2.76 -22.99
C VAL B 283 -11.37 1.84 -21.86
N LEU B 284 -10.06 1.91 -21.58
CA LEU B 284 -9.43 0.98 -20.65
C LEU B 284 -9.61 1.37 -19.19
N THR B 285 -9.94 2.64 -18.95
CA THR B 285 -10.03 3.19 -17.60
C THR B 285 -11.47 3.20 -17.15
N PRO B 286 -11.77 2.50 -16.03
CA PRO B 286 -13.16 2.40 -15.58
C PRO B 286 -13.72 3.75 -15.13
N ASN B 287 -14.90 4.07 -15.61
CA ASN B 287 -15.53 5.34 -15.28
C ASN B 287 -16.46 5.13 -14.08
N LEU B 288 -15.83 5.03 -12.92
CA LEU B 288 -16.53 4.68 -11.70
C LEU B 288 -15.97 5.51 -10.54
N VAL B 289 -16.85 6.08 -9.73
CA VAL B 289 -16.43 6.78 -8.51
C VAL B 289 -17.07 6.11 -7.30
N ALA B 290 -16.23 5.58 -6.39
CA ALA B 290 -16.72 4.78 -5.26
C ALA B 290 -17.74 5.53 -4.41
N ALA B 291 -18.66 4.78 -3.82
CA ALA B 291 -19.66 5.32 -2.90
C ALA B 291 -20.17 4.21 -1.97
N LEU B 292 -20.65 4.60 -0.80
CA LEU B 292 -21.26 3.66 0.14
C LEU B 292 -22.63 3.21 -0.37
N PRO B 293 -23.07 2.00 0.01
CA PRO B 293 -24.43 1.61 -0.32
C PRO B 293 -25.43 2.49 0.44
N PRO B 294 -26.64 2.68 -0.12
CA PRO B 294 -27.68 3.50 0.52
C PRO B 294 -28.05 3.09 1.96
N THR C 2 -3.40 25.29 4.87
CA THR C 2 -3.85 25.76 6.18
C THR C 2 -4.06 24.60 7.14
N VAL C 3 -3.41 24.66 8.30
CA VAL C 3 -3.67 23.71 9.38
C VAL C 3 -4.70 24.32 10.35
N PHE C 4 -5.85 23.68 10.45
CA PHE C 4 -6.88 24.12 11.38
C PHE C 4 -6.60 23.48 12.74
N THR C 5 -6.77 24.26 13.80
CA THR C 5 -6.40 23.81 15.14
C THR C 5 -7.52 23.06 15.86
N SER C 6 -8.69 22.99 15.21
CA SER C 6 -9.82 22.25 15.73
C SER C 6 -10.75 21.90 14.60
N TRP C 7 -11.63 20.92 14.81
CA TRP C 7 -12.66 20.60 13.82
C TRP C 7 -13.60 21.80 13.65
N GLU C 8 -13.92 22.45 14.77
CA GLU C 8 -14.76 23.66 14.75
C GLU C 8 -14.14 24.76 13.88
N GLU C 9 -12.83 24.98 14.06
CA GLU C 9 -12.10 25.93 13.22
CA GLU C 9 -12.07 25.90 13.21
C GLU C 9 -12.26 25.59 11.73
N TYR C 10 -12.15 24.32 11.39
CA TYR C 10 -12.32 23.88 10.01
C TYR C 10 -13.75 24.13 9.53
N LEU C 11 -14.72 23.79 10.39
CA LEU C 11 -16.14 23.99 10.08
C LEU C 11 -16.46 25.48 9.84
N ASP C 12 -15.92 26.34 10.68
CA ASP C 12 -16.13 27.79 10.53
C ASP C 12 -15.56 28.29 9.20
N TRP C 13 -14.42 27.75 8.78
CA TRP C 13 -13.77 28.19 7.57
C TRP C 13 -14.44 27.68 6.29
N VAL C 14 -14.79 26.41 6.28
CA VAL C 14 -15.30 25.76 5.07
C VAL C 14 -16.72 26.23 4.77
#